data_7L1Y
#
_entry.id   7L1Y
#
_cell.length_a   55.958
_cell.length_b   55.958
_cell.length_c   163.276
_cell.angle_alpha   90.000
_cell.angle_beta   90.000
_cell.angle_gamma   90.000
#
_symmetry.space_group_name_H-M   'P 43 21 2'
#
loop_
_entity.id
_entity.type
_entity.pdbx_description
1 polymer Exo-B-1,4-beta-xylanase
2 branched beta-D-xylopyranose-(1-4)-beta-D-xylopyranose
3 non-polymer 1,2-ETHANEDIOL
4 water water
#
_entity_poly.entity_id   1
_entity_poly.type   'polypeptide(L)'
_entity_poly.pdbx_seq_one_letter_code
;EPKMPPAVADAKASGIARFNAYTQYFPEATLITQPHATGHVGNFFFTHWKDGGSAALDLDAKGNFSVSWQGGGYNYVGGP
GWHFGDKNRVIGYRFNQDSGASYITLYGWGYDKSMPATDPAHLVEYYILQRWTYDPSQDGIYGKTFVSNGIEYSTYRSIR
KVKPSINGPTTFYQYWSKPSAQQELGKDHKIIFADHVKAWADTGWILPDMNNFDASDDPTYQVLAVEVFNPQKNGTASGQ
VWDETPR
;
_entity_poly.pdbx_strand_id   A
#
loop_
_chem_comp.id
_chem_comp.type
_chem_comp.name
_chem_comp.formula
EDO non-polymer 1,2-ETHANEDIOL 'C2 H6 O2'
XYP D-saccharide, beta linking beta-D-xylopyranose 'C5 H10 O5'
#
# COMPACT_ATOMS: atom_id res chain seq x y z
N MET A 4 12.66 19.83 -9.90
CA MET A 4 11.70 18.92 -9.28
C MET A 4 12.39 17.61 -8.89
N PRO A 5 11.90 16.97 -7.81
CA PRO A 5 12.44 15.68 -7.44
C PRO A 5 12.27 14.68 -8.57
N PRO A 6 13.16 13.69 -8.66
CA PRO A 6 13.19 12.85 -9.87
C PRO A 6 11.96 11.97 -10.07
N ALA A 7 11.42 11.38 -9.01
CA ALA A 7 10.22 10.56 -9.18
C ALA A 7 9.04 11.43 -9.62
N VAL A 8 8.96 12.66 -9.14
CA VAL A 8 7.91 13.57 -9.58
C VAL A 8 8.07 13.87 -11.05
N ALA A 9 9.29 14.17 -11.48
CA ALA A 9 9.56 14.43 -12.89
C ALA A 9 9.22 13.21 -13.74
N ASP A 10 9.63 12.02 -13.29
CA ASP A 10 9.32 10.80 -14.04
C ASP A 10 7.83 10.57 -14.13
N ALA A 11 7.11 10.76 -13.03
CA ALA A 11 5.67 10.56 -13.04
C ALA A 11 4.97 11.56 -13.95
N LYS A 12 5.41 12.82 -13.92
CA LYS A 12 4.81 13.82 -14.80
C LYS A 12 5.07 13.48 -16.26
N ALA A 13 6.31 13.11 -16.59
CA ALA A 13 6.69 12.80 -17.97
C ALA A 13 6.05 11.52 -18.49
N SER A 14 5.51 10.68 -17.61
CA SER A 14 4.75 9.51 -18.03
CA SER A 14 4.76 9.49 -17.99
C SER A 14 3.25 9.69 -17.88
N GLY A 15 2.80 10.91 -17.60
CA GLY A 15 1.39 11.25 -17.65
C GLY A 15 0.57 10.90 -16.44
N ILE A 16 1.13 11.02 -15.24
CA ILE A 16 0.35 10.72 -14.03
C ILE A 16 -0.82 11.68 -13.86
N ALA A 17 -0.73 12.89 -14.45
CA ALA A 17 -1.83 13.84 -14.36
C ALA A 17 -3.08 13.37 -15.08
N ARG A 18 -3.03 12.28 -15.84
CA ARG A 18 -4.22 11.72 -16.44
C ARG A 18 -5.26 11.32 -15.40
N PHE A 19 -4.86 11.08 -14.16
CA PHE A 19 -5.79 10.62 -13.13
C PHE A 19 -6.46 11.81 -12.47
N ASN A 20 -7.80 11.79 -12.42
CA ASN A 20 -8.52 12.87 -11.78
CA ASN A 20 -8.52 12.87 -11.78
C ASN A 20 -8.16 12.98 -10.30
N ALA A 21 -7.94 11.84 -9.64
CA ALA A 21 -7.64 11.84 -8.21
C ALA A 21 -6.21 12.28 -7.90
N TYR A 22 -5.32 12.35 -8.88
CA TYR A 22 -3.98 12.87 -8.62
C TYR A 22 -4.08 14.37 -8.38
N THR A 23 -3.57 14.81 -7.23
CA THR A 23 -3.67 16.21 -6.83
C THR A 23 -2.53 17.01 -7.44
N GLN A 24 -1.38 17.00 -6.81
CA GLN A 24 -0.25 17.78 -7.31
C GLN A 24 1.01 17.33 -6.59
N TYR A 25 2.12 17.91 -7.01
CA TYR A 25 3.37 17.87 -6.26
C TYR A 25 3.34 18.96 -5.21
N PHE A 26 3.50 18.56 -3.94
CA PHE A 26 3.66 19.48 -2.82
C PHE A 26 5.13 19.52 -2.44
N PRO A 27 5.83 20.65 -2.54
CA PRO A 27 7.28 20.64 -2.29
C PRO A 27 7.67 20.39 -0.84
N GLU A 28 6.82 20.71 0.13
CA GLU A 28 7.25 20.73 1.53
C GLU A 28 6.60 19.63 2.36
N ALA A 29 5.33 19.78 2.70
CA ALA A 29 4.58 18.80 3.49
C ALA A 29 3.13 19.20 3.43
N THR A 30 2.25 18.20 3.41
CA THR A 30 0.83 18.49 3.29
C THR A 30 0.03 17.55 4.19
N LEU A 31 -1.20 17.96 4.47
CA LEU A 31 -2.17 17.17 5.19
C LEU A 31 -3.28 16.81 4.22
N ILE A 32 -3.57 15.51 4.11
CA ILE A 32 -4.58 15.00 3.20
CA ILE A 32 -4.58 14.99 3.20
C ILE A 32 -5.74 14.47 4.03
N THR A 33 -6.95 14.96 3.75
CA THR A 33 -8.14 14.57 4.50
C THR A 33 -9.34 14.17 3.63
N GLN A 34 -9.25 14.35 2.31
CA GLN A 34 -10.39 14.14 1.42
CA GLN A 34 -10.38 14.14 1.41
C GLN A 34 -10.66 12.65 1.24
N PRO A 35 -11.76 12.27 0.56
CA PRO A 35 -12.06 10.83 0.41
C PRO A 35 -11.05 10.05 -0.41
N HIS A 36 -10.44 10.64 -1.44
CA HIS A 36 -9.61 9.87 -2.37
C HIS A 36 -8.62 10.80 -3.03
N ALA A 37 -7.33 10.58 -2.80
CA ALA A 37 -6.32 11.45 -3.39
C ALA A 37 -5.01 10.69 -3.54
N THR A 38 -4.30 11.00 -4.61
CA THR A 38 -2.90 10.66 -4.74
C THR A 38 -2.14 11.94 -5.03
N GLY A 39 -0.82 11.86 -4.98
CA GLY A 39 0.01 13.03 -5.19
C GLY A 39 1.45 12.73 -4.83
N HIS A 40 2.25 13.80 -4.77
CA HIS A 40 3.63 13.70 -4.30
C HIS A 40 3.87 14.78 -3.26
N VAL A 41 4.56 14.40 -2.18
CA VAL A 41 5.13 15.34 -1.23
C VAL A 41 6.63 15.14 -1.32
N GLY A 42 7.35 16.18 -1.74
CA GLY A 42 8.72 15.92 -2.15
C GLY A 42 8.76 14.84 -3.21
N ASN A 43 9.72 13.92 -3.07
CA ASN A 43 9.87 12.80 -3.98
C ASN A 43 8.93 11.63 -3.64
N PHE A 44 8.13 11.74 -2.58
CA PHE A 44 7.32 10.62 -2.10
C PHE A 44 5.92 10.67 -2.72
N PHE A 45 5.57 9.61 -3.44
CA PHE A 45 4.18 9.42 -3.82
C PHE A 45 3.34 9.15 -2.57
N PHE A 46 2.06 9.49 -2.64
CA PHE A 46 1.13 9.03 -1.61
C PHE A 46 -0.18 8.59 -2.23
N THR A 47 -0.84 7.67 -1.54
CA THR A 47 -2.23 7.32 -1.78
C THR A 47 -3.01 7.51 -0.49
N HIS A 48 -4.31 7.77 -0.63
CA HIS A 48 -5.18 8.09 0.50
C HIS A 48 -6.60 7.81 0.04
N TRP A 49 -7.25 6.84 0.67
CA TRP A 49 -8.59 6.45 0.25
C TRP A 49 -9.41 5.96 1.43
N LYS A 50 -10.65 6.40 1.51
CA LYS A 50 -11.61 5.87 2.48
C LYS A 50 -13.00 5.86 1.89
N ASP A 51 -13.86 5.01 2.44
CA ASP A 51 -15.25 4.93 2.02
C ASP A 51 -16.19 5.70 2.94
N GLY A 52 -15.64 6.46 3.88
CA GLY A 52 -16.42 7.16 4.88
C GLY A 52 -15.50 7.57 6.00
N GLY A 53 -16.11 8.15 7.04
CA GLY A 53 -15.34 8.48 8.24
C GLY A 53 -14.37 9.62 8.05
N SER A 54 -13.48 9.76 9.03
CA SER A 54 -12.51 10.85 9.06
CA SER A 54 -12.51 10.85 9.08
C SER A 54 -11.14 10.27 9.36
N ALA A 55 -10.17 10.53 8.47
CA ALA A 55 -8.81 10.08 8.63
C ALA A 55 -7.91 11.05 7.86
N ALA A 56 -6.74 11.34 8.42
CA ALA A 56 -5.86 12.36 7.87
C ALA A 56 -4.45 11.83 7.76
N LEU A 57 -3.83 12.02 6.59
CA LEU A 57 -2.44 11.65 6.34
C LEU A 57 -1.61 12.92 6.35
N ASP A 58 -0.61 12.95 7.23
CA ASP A 58 0.33 14.05 7.35
C ASP A 58 1.68 13.53 6.86
N LEU A 59 2.23 14.16 5.81
CA LEU A 59 3.40 13.61 5.15
C LEU A 59 4.38 14.72 4.84
N ASP A 60 5.66 14.51 5.14
CA ASP A 60 6.70 15.48 4.82
C ASP A 60 7.59 14.99 3.69
N ALA A 61 8.43 15.89 3.18
CA ALA A 61 9.30 15.60 2.05
C ALA A 61 10.47 14.68 2.41
N LYS A 62 10.61 14.29 3.68
CA LYS A 62 11.60 13.30 4.08
C LYS A 62 10.98 11.93 4.33
N GLY A 63 9.70 11.75 4.00
CA GLY A 63 9.05 10.46 4.18
C GLY A 63 8.58 10.18 5.59
N ASN A 64 8.65 11.14 6.50
CA ASN A 64 8.01 11.00 7.80
C ASN A 64 6.52 11.20 7.62
N PHE A 65 5.73 10.35 8.26
CA PHE A 65 4.29 10.46 8.07
C PHE A 65 3.54 10.00 9.31
N SER A 66 2.31 10.47 9.40
CA SER A 66 1.39 10.09 10.46
CA SER A 66 1.41 10.05 10.44
C SER A 66 0.00 9.96 9.86
N VAL A 67 -0.73 8.93 10.30
CA VAL A 67 -2.15 8.79 9.96
C VAL A 67 -2.90 8.89 11.27
N SER A 68 -3.85 9.82 11.33
CA SER A 68 -4.71 10.01 12.48
CA SER A 68 -4.71 10.02 12.48
CA SER A 68 -4.71 10.01 12.49
C SER A 68 -6.13 9.67 12.07
N TRP A 69 -6.76 8.75 12.81
CA TRP A 69 -8.10 8.30 12.46
C TRP A 69 -9.07 8.52 13.60
N GLN A 70 -10.33 8.71 13.22
CA GLN A 70 -11.43 8.90 14.15
C GLN A 70 -12.23 7.60 14.23
N GLY A 71 -12.67 7.25 15.43
CA GLY A 71 -13.51 6.06 15.55
C GLY A 71 -14.71 6.11 14.64
N GLY A 72 -15.13 4.96 14.12
CA GLY A 72 -16.29 4.92 13.25
C GLY A 72 -16.30 3.71 12.35
N GLY A 73 -17.42 3.55 11.66
CA GLY A 73 -17.62 2.44 10.75
C GLY A 73 -17.27 2.81 9.33
N TYR A 74 -16.02 2.57 8.95
CA TYR A 74 -15.51 2.90 7.62
C TYR A 74 -14.18 2.17 7.47
N ASN A 75 -13.64 2.25 6.25
CA ASN A 75 -12.34 1.69 5.91
C ASN A 75 -11.50 2.80 5.31
N TYR A 76 -10.28 2.97 5.82
CA TYR A 76 -9.31 3.92 5.27
C TYR A 76 -8.00 3.18 5.05
N VAL A 77 -7.33 3.47 3.94
CA VAL A 77 -5.95 3.02 3.75
C VAL A 77 -5.17 4.10 3.01
N GLY A 78 -3.99 4.43 3.52
CA GLY A 78 -3.15 5.41 2.87
C GLY A 78 -1.75 5.42 3.42
N GLY A 79 -0.85 6.02 2.64
CA GLY A 79 0.52 6.21 3.05
C GLY A 79 1.44 6.54 1.89
N PRO A 80 2.75 6.67 2.19
CA PRO A 80 3.70 7.17 1.20
C PRO A 80 4.58 6.09 0.60
N GLY A 81 5.12 6.38 -0.58
CA GLY A 81 6.03 5.49 -1.24
C GLY A 81 6.30 5.89 -2.67
N TRP A 82 5.78 5.10 -3.60
CA TRP A 82 6.17 5.13 -5.00
C TRP A 82 4.96 5.00 -5.90
N HIS A 83 5.01 5.70 -7.04
CA HIS A 83 3.91 5.62 -8.01
C HIS A 83 3.86 4.30 -8.76
N PHE A 84 4.83 3.40 -8.56
CA PHE A 84 4.89 2.14 -9.26
C PHE A 84 5.55 1.13 -8.34
N GLY A 85 5.21 -0.14 -8.54
CA GLY A 85 5.92 -1.22 -7.87
C GLY A 85 7.10 -1.69 -8.71
N ASP A 86 8.18 -2.01 -8.02
CA ASP A 86 9.38 -2.56 -8.64
C ASP A 86 9.67 -3.85 -7.90
N LYS A 87 9.71 -4.97 -8.64
CA LYS A 87 9.84 -6.27 -8.00
C LYS A 87 11.16 -6.44 -7.26
N ASN A 88 12.15 -5.58 -7.50
CA ASN A 88 13.43 -5.68 -6.81
C ASN A 88 13.61 -4.62 -5.72
N ARG A 89 12.58 -3.83 -5.42
CA ARG A 89 12.72 -2.79 -4.42
C ARG A 89 12.93 -3.39 -3.03
N VAL A 90 13.81 -2.77 -2.25
CA VAL A 90 13.96 -3.05 -0.83
C VAL A 90 13.46 -1.83 -0.09
N ILE A 91 12.34 -1.97 0.59
CA ILE A 91 11.71 -0.90 1.33
C ILE A 91 12.25 -0.93 2.75
N GLY A 92 12.74 0.20 3.23
CA GLY A 92 13.15 0.34 4.61
C GLY A 92 12.18 1.23 5.33
N TYR A 93 12.01 1.00 6.63
CA TYR A 93 11.15 1.88 7.41
C TYR A 93 11.49 1.73 8.88
N ARG A 94 11.06 2.72 9.64
CA ARG A 94 11.01 2.61 11.09
C ARG A 94 9.65 3.12 11.51
N PHE A 95 8.94 2.33 12.31
CA PHE A 95 7.63 2.75 12.80
C PHE A 95 7.75 3.21 14.24
N ASN A 96 7.19 4.38 14.52
CA ASN A 96 7.44 5.07 15.79
C ASN A 96 6.31 4.89 16.80
N GLN A 97 5.07 4.87 16.33
CA GLN A 97 3.92 4.84 17.22
C GLN A 97 2.74 4.20 16.46
N ASP A 98 1.91 3.45 17.18
CA ASP A 98 0.80 2.71 16.57
C ASP A 98 -0.26 2.49 17.65
N SER A 99 -1.34 3.28 17.60
CA SER A 99 -2.46 3.11 18.52
C SER A 99 -3.16 1.76 18.37
N GLY A 100 -2.95 1.07 17.25
CA GLY A 100 -3.64 -0.18 16.99
C GLY A 100 -4.35 -0.19 15.65
N ALA A 101 -3.66 0.22 14.59
CA ALA A 101 -4.24 0.18 13.25
C ALA A 101 -4.59 -1.26 12.88
N SER A 102 -5.53 -1.40 11.96
CA SER A 102 -5.86 -2.73 11.44
C SER A 102 -4.63 -3.35 10.80
N TYR A 103 -3.95 -2.60 9.93
CA TYR A 103 -2.69 -3.02 9.33
C TYR A 103 -1.70 -1.87 9.30
N ILE A 104 -0.43 -2.18 9.54
CA ILE A 104 0.70 -1.39 9.08
C ILE A 104 1.41 -2.30 8.09
N THR A 105 1.47 -1.88 6.81
CA THR A 105 1.69 -2.87 5.77
C THR A 105 2.24 -2.23 4.51
N LEU A 106 3.12 -2.93 3.82
CA LEU A 106 3.34 -2.54 2.42
C LEU A 106 2.06 -2.80 1.67
N TYR A 107 1.73 -1.93 0.72
CA TYR A 107 0.41 -1.95 0.11
C TYR A 107 0.55 -1.47 -1.32
N GLY A 108 0.02 -2.25 -2.27
CA GLY A 108 0.13 -1.81 -3.66
C GLY A 108 -0.72 -2.64 -4.59
N TRP A 109 -0.58 -2.36 -5.88
CA TRP A 109 -1.42 -2.96 -6.91
C TRP A 109 -0.62 -3.35 -8.14
N GLY A 110 -1.09 -4.42 -8.79
CA GLY A 110 -0.71 -4.72 -10.16
C GLY A 110 -1.96 -4.80 -11.03
N TYR A 111 -1.78 -4.55 -12.33
CA TYR A 111 -2.93 -4.51 -13.22
C TYR A 111 -2.45 -4.78 -14.64
N ASP A 112 -3.06 -5.78 -15.29
CA ASP A 112 -2.77 -6.10 -16.69
C ASP A 112 -4.05 -5.87 -17.50
N LYS A 113 -4.09 -4.76 -18.24
CA LYS A 113 -5.26 -4.43 -19.02
CA LYS A 113 -5.27 -4.43 -19.01
C LYS A 113 -5.55 -5.45 -20.11
N SER A 114 -4.55 -6.23 -20.53
CA SER A 114 -4.74 -7.22 -21.58
C SER A 114 -5.37 -8.52 -21.08
N MET A 115 -5.45 -8.73 -19.75
CA MET A 115 -6.04 -9.96 -19.22
C MET A 115 -7.55 -9.81 -19.10
N PRO A 116 -8.29 -10.91 -19.17
CA PRO A 116 -9.75 -10.83 -19.03
C PRO A 116 -10.14 -10.53 -17.59
N ALA A 117 -11.17 -9.71 -17.42
CA ALA A 117 -11.64 -9.38 -16.08
C ALA A 117 -12.33 -10.55 -15.39
N THR A 118 -12.68 -11.61 -16.12
CA THR A 118 -13.20 -12.81 -15.47
C THR A 118 -12.13 -13.53 -14.67
N ASP A 119 -10.85 -13.25 -14.92
CA ASP A 119 -9.74 -13.84 -14.17
C ASP A 119 -9.41 -12.88 -13.04
N PRO A 120 -9.64 -13.23 -11.78
CA PRO A 120 -9.33 -12.29 -10.68
C PRO A 120 -7.86 -11.91 -10.59
N ALA A 121 -6.95 -12.62 -11.26
CA ALA A 121 -5.54 -12.25 -11.28
C ALA A 121 -5.24 -11.13 -12.27
N HIS A 122 -6.25 -10.61 -12.97
CA HIS A 122 -6.01 -9.49 -13.88
C HIS A 122 -5.66 -8.21 -13.13
N LEU A 123 -6.09 -8.12 -11.87
CA LEU A 123 -5.87 -6.95 -11.03
C LEU A 123 -5.64 -7.51 -9.63
N VAL A 124 -4.56 -7.08 -8.98
CA VAL A 124 -4.21 -7.63 -7.67
C VAL A 124 -3.86 -6.50 -6.71
N GLU A 125 -4.48 -6.53 -5.54
CA GLU A 125 -4.13 -5.68 -4.40
C GLU A 125 -3.26 -6.54 -3.49
N TYR A 126 -2.04 -6.08 -3.19
CA TYR A 126 -1.13 -6.89 -2.40
C TYR A 126 -0.73 -6.20 -1.10
N TYR A 127 -0.39 -7.03 -0.12
CA TYR A 127 -0.11 -6.60 1.23
C TYR A 127 1.07 -7.38 1.78
N ILE A 128 2.03 -6.69 2.37
CA ILE A 128 3.06 -7.33 3.19
C ILE A 128 2.92 -6.73 4.58
N LEU A 129 2.19 -7.45 5.44
CA LEU A 129 1.90 -6.94 6.77
CA LEU A 129 1.90 -6.95 6.78
C LEU A 129 3.17 -6.86 7.60
N GLN A 130 3.21 -5.85 8.47
CA GLN A 130 4.26 -5.71 9.47
C GLN A 130 3.70 -5.64 10.88
N ARG A 131 2.59 -4.93 11.08
CA ARG A 131 1.84 -4.92 12.31
C ARG A 131 0.36 -5.04 11.95
N TRP A 132 -0.42 -5.66 12.82
CA TRP A 132 -1.84 -5.81 12.50
C TRP A 132 -2.64 -6.08 13.77
N THR A 133 -3.89 -5.60 13.76
CA THR A 133 -4.89 -6.02 14.74
C THR A 133 -6.06 -6.77 14.10
N TYR A 134 -6.04 -6.97 12.78
CA TYR A 134 -6.98 -7.83 12.09
C TYR A 134 -6.14 -8.85 11.33
N ASP A 135 -6.52 -10.13 11.44
CA ASP A 135 -5.76 -11.21 10.83
C ASP A 135 -6.45 -11.61 9.54
N PRO A 136 -5.84 -11.37 8.38
CA PRO A 136 -6.50 -11.70 7.10
C PRO A 136 -6.47 -13.19 6.75
N SER A 137 -5.80 -14.04 7.53
CA SER A 137 -5.75 -15.46 7.18
C SER A 137 -7.15 -16.06 7.06
N GLN A 138 -8.08 -15.57 7.87
CA GLN A 138 -9.45 -16.08 7.90
C GLN A 138 -10.20 -15.85 6.59
N ASP A 139 -9.71 -14.95 5.75
CA ASP A 139 -10.43 -14.57 4.53
C ASP A 139 -9.82 -15.17 3.27
N GLY A 140 -8.73 -15.95 3.38
CA GLY A 140 -8.00 -16.39 2.21
C GLY A 140 -7.53 -17.83 2.33
N ILE A 141 -6.94 -18.31 1.24
CA ILE A 141 -6.34 -19.64 1.21
C ILE A 141 -4.84 -19.49 1.44
N TYR A 142 -4.27 -20.44 2.17
CA TYR A 142 -2.85 -20.43 2.47
C TYR A 142 -2.04 -20.79 1.23
N GLY A 143 -0.90 -20.13 1.06
CA GLY A 143 0.04 -20.46 0.02
C GLY A 143 1.23 -21.24 0.56
N LYS A 144 2.18 -20.53 1.16
CA LYS A 144 3.37 -21.18 1.68
C LYS A 144 4.01 -20.31 2.74
N THR A 145 4.97 -20.90 3.45
CA THR A 145 5.81 -20.18 4.41
C THR A 145 7.23 -20.13 3.89
N PHE A 146 7.90 -18.99 4.12
CA PHE A 146 9.24 -18.76 3.63
C PHE A 146 9.92 -17.79 4.57
N VAL A 147 11.23 -17.62 4.40
CA VAL A 147 12.03 -16.74 5.25
C VAL A 147 12.56 -15.60 4.40
N SER A 148 12.43 -14.38 4.89
CA SER A 148 12.98 -13.24 4.20
C SER A 148 13.53 -12.29 5.27
N ASN A 149 14.78 -11.85 5.09
CA ASN A 149 15.46 -11.02 6.10
C ASN A 149 15.39 -11.66 7.49
N GLY A 150 15.54 -12.99 7.54
CA GLY A 150 15.63 -13.70 8.79
C GLY A 150 14.33 -13.99 9.51
N ILE A 151 13.19 -13.65 8.94
CA ILE A 151 11.91 -13.91 9.60
C ILE A 151 10.96 -14.66 8.69
N GLU A 152 10.09 -15.46 9.31
CA GLU A 152 9.17 -16.32 8.60
C GLU A 152 7.91 -15.56 8.24
N TYR A 153 7.56 -15.59 6.96
CA TYR A 153 6.30 -15.05 6.45
C TYR A 153 5.45 -16.18 5.89
N SER A 154 4.14 -16.02 5.96
CA SER A 154 3.19 -16.94 5.36
CA SER A 154 3.19 -16.94 5.36
C SER A 154 2.28 -16.19 4.40
N THR A 155 1.94 -16.83 3.29
CA THR A 155 1.18 -16.17 2.23
C THR A 155 -0.26 -16.65 2.20
N TYR A 156 -1.14 -15.75 1.73
CA TYR A 156 -2.56 -16.03 1.56
C TYR A 156 -3.08 -15.34 0.32
N ARG A 157 -4.10 -15.94 -0.31
CA ARG A 157 -4.80 -15.31 -1.41
C ARG A 157 -6.28 -15.26 -1.10
N SER A 158 -6.86 -14.08 -1.21
CA SER A 158 -8.28 -13.86 -0.99
C SER A 158 -8.87 -13.23 -2.24
N ILE A 159 -10.20 -13.10 -2.27
CA ILE A 159 -10.88 -12.49 -3.40
C ILE A 159 -11.80 -11.38 -2.92
N ARG A 160 -11.85 -10.30 -3.69
CA ARG A 160 -12.74 -9.19 -3.41
C ARG A 160 -13.76 -9.15 -4.53
N LYS A 161 -15.03 -9.28 -4.20
CA LYS A 161 -16.09 -9.43 -5.20
C LYS A 161 -16.85 -8.11 -5.34
N VAL A 162 -16.71 -7.49 -6.52
CA VAL A 162 -17.36 -6.23 -6.84
C VAL A 162 -17.00 -5.18 -5.80
N LYS A 163 -15.73 -4.81 -5.72
CA LYS A 163 -15.24 -3.92 -4.68
C LYS A 163 -14.42 -2.80 -5.29
N PRO A 164 -14.25 -1.69 -4.57
CA PRO A 164 -13.44 -0.58 -5.09
C PRO A 164 -12.01 -1.01 -5.40
N SER A 165 -11.43 -0.38 -6.41
CA SER A 165 -10.05 -0.68 -6.80
C SER A 165 -9.49 0.49 -7.59
N ILE A 166 -8.20 0.37 -7.92
CA ILE A 166 -7.57 1.35 -8.80
C ILE A 166 -8.17 1.37 -10.20
N ASN A 167 -8.97 0.35 -10.54
CA ASN A 167 -9.69 0.29 -11.81
C ASN A 167 -11.20 0.40 -11.65
N GLY A 168 -11.66 0.99 -10.54
CA GLY A 168 -13.08 1.06 -10.26
C GLY A 168 -13.60 -0.26 -9.74
N PRO A 169 -14.91 -0.35 -9.53
CA PRO A 169 -15.48 -1.59 -8.99
C PRO A 169 -15.13 -2.80 -9.86
N THR A 170 -14.58 -3.84 -9.21
CA THR A 170 -13.92 -4.95 -9.89
C THR A 170 -13.93 -6.15 -8.94
N THR A 171 -13.86 -7.35 -9.53
CA THR A 171 -13.55 -8.56 -8.76
C THR A 171 -12.08 -8.89 -8.98
N PHE A 172 -11.31 -8.92 -7.88
CA PHE A 172 -9.86 -9.01 -7.95
C PHE A 172 -9.33 -9.85 -6.79
N TYR A 173 -8.16 -10.45 -7.02
CA TYR A 173 -7.46 -11.14 -5.95
C TYR A 173 -6.67 -10.18 -5.07
N GLN A 174 -6.50 -10.58 -3.82
CA GLN A 174 -5.55 -9.95 -2.92
C GLN A 174 -4.50 -10.97 -2.57
N TYR A 175 -3.23 -10.55 -2.61
CA TYR A 175 -2.13 -11.41 -2.18
C TYR A 175 -1.60 -10.86 -0.85
N TRP A 176 -1.36 -11.76 0.11
CA TRP A 176 -0.96 -11.38 1.44
C TRP A 176 0.33 -12.09 1.83
N SER A 177 1.14 -11.39 2.62
CA SER A 177 2.30 -11.99 3.27
CA SER A 177 2.31 -11.97 3.27
C SER A 177 2.29 -11.49 4.71
N LYS A 178 2.29 -12.41 5.67
CA LYS A 178 2.14 -12.07 7.09
C LYS A 178 3.27 -12.72 7.87
N PRO A 179 4.06 -11.95 8.62
CA PRO A 179 5.15 -12.55 9.39
C PRO A 179 4.62 -13.26 10.64
N SER A 180 5.47 -14.10 11.22
CA SER A 180 5.06 -14.90 12.36
C SER A 180 5.00 -14.12 13.67
N ALA A 181 5.43 -12.85 13.68
CA ALA A 181 5.34 -11.99 14.85
C ALA A 181 5.15 -10.55 14.40
N GLN A 182 4.53 -9.75 15.26
CA GLN A 182 4.42 -8.31 15.01
C GLN A 182 5.80 -7.70 14.97
N GLN A 183 6.02 -6.77 14.04
CA GLN A 183 7.31 -6.11 13.90
C GLN A 183 7.38 -4.92 14.86
N GLU A 184 8.50 -4.84 15.59
CA GLU A 184 8.60 -3.92 16.72
C GLU A 184 8.69 -2.46 16.27
N LEU A 185 8.12 -1.58 17.08
CA LEU A 185 8.33 -0.15 16.91
C LEU A 185 9.76 0.23 17.32
N GLY A 186 10.25 1.33 16.74
CA GLY A 186 11.48 1.93 17.20
C GLY A 186 12.75 1.37 16.60
N LYS A 187 12.65 0.43 15.67
CA LYS A 187 13.80 -0.21 15.07
C LYS A 187 13.62 -0.25 13.57
N ASP A 188 14.72 -0.13 12.83
CA ASP A 188 14.64 -0.20 11.37
C ASP A 188 14.26 -1.61 10.96
N HIS A 189 13.40 -1.70 9.95
CA HIS A 189 13.05 -2.98 9.34
C HIS A 189 13.19 -2.84 7.84
N LYS A 190 13.26 -3.99 7.17
CA LYS A 190 13.39 -4.10 5.73
C LYS A 190 12.28 -4.98 5.20
N ILE A 191 11.75 -4.62 4.04
CA ILE A 191 10.87 -5.49 3.26
C ILE A 191 11.58 -5.72 1.93
N ILE A 192 12.07 -6.94 1.73
CA ILE A 192 12.76 -7.32 0.50
C ILE A 192 11.66 -7.81 -0.43
N PHE A 193 11.12 -6.88 -1.24
CA PHE A 193 9.89 -7.16 -1.99
C PHE A 193 10.05 -8.38 -2.89
N ALA A 194 11.22 -8.56 -3.50
CA ALA A 194 11.45 -9.69 -4.40
C ALA A 194 11.16 -11.03 -3.74
N ASP A 195 11.42 -11.15 -2.44
CA ASP A 195 11.19 -12.43 -1.76
C ASP A 195 9.71 -12.75 -1.69
N HIS A 196 8.88 -11.71 -1.52
CA HIS A 196 7.44 -11.90 -1.43
C HIS A 196 6.82 -12.13 -2.80
N VAL A 197 7.27 -11.37 -3.81
CA VAL A 197 6.88 -11.65 -5.19
C VAL A 197 7.18 -13.11 -5.54
N LYS A 198 8.39 -13.56 -5.18
CA LYS A 198 8.79 -14.93 -5.46
CA LYS A 198 8.79 -14.94 -5.47
C LYS A 198 7.91 -15.94 -4.73
N ALA A 199 7.63 -15.67 -3.46
CA ALA A 199 6.82 -16.62 -2.68
C ALA A 199 5.41 -16.76 -3.23
N TRP A 200 4.80 -15.63 -3.64
CA TRP A 200 3.49 -15.70 -4.28
C TRP A 200 3.58 -16.48 -5.60
N ALA A 201 4.60 -16.20 -6.41
CA ALA A 201 4.74 -16.89 -7.69
C ALA A 201 4.97 -18.38 -7.47
N ASP A 202 5.62 -18.75 -6.37
CA ASP A 202 5.89 -20.17 -6.08
C ASP A 202 4.62 -21.00 -5.93
N THR A 203 3.48 -20.39 -5.61
CA THR A 203 2.22 -21.12 -5.59
C THR A 203 1.32 -20.72 -6.76
N GLY A 204 1.90 -20.13 -7.80
CA GLY A 204 1.16 -19.80 -8.99
C GLY A 204 0.40 -18.50 -8.94
N TRP A 205 0.69 -17.65 -7.96
CA TRP A 205 0.03 -16.35 -7.82
C TRP A 205 0.94 -15.30 -8.43
N ILE A 206 0.68 -14.97 -9.69
CA ILE A 206 1.51 -14.06 -10.46
C ILE A 206 0.95 -12.66 -10.30
N LEU A 207 1.84 -11.71 -10.04
CA LEU A 207 1.43 -10.32 -9.96
C LEU A 207 1.35 -9.74 -11.37
N PRO A 208 0.20 -9.19 -11.76
CA PRO A 208 0.14 -8.46 -13.03
C PRO A 208 0.93 -7.17 -12.93
N ASP A 209 1.16 -6.56 -14.09
CA ASP A 209 2.14 -5.49 -14.23
C ASP A 209 1.97 -4.40 -13.17
N MET A 210 3.09 -4.04 -12.53
CA MET A 210 3.09 -3.09 -11.43
C MET A 210 3.66 -1.74 -11.81
N ASN A 211 3.86 -1.49 -13.11
CA ASN A 211 4.49 -0.25 -13.56
C ASN A 211 3.67 0.35 -14.71
N ASN A 212 2.42 0.70 -14.44
CA ASN A 212 1.60 1.30 -15.50
C ASN A 212 0.54 2.22 -14.92
N PHE A 213 0.08 3.12 -15.78
CA PHE A 213 -1.04 4.02 -15.52
C PHE A 213 -2.28 3.60 -16.32
N ASP A 214 -2.46 2.30 -16.56
CA ASP A 214 -3.54 1.82 -17.43
C ASP A 214 -4.89 1.74 -16.74
N ALA A 215 -4.92 1.69 -15.42
CA ALA A 215 -6.19 1.57 -14.72
C ALA A 215 -6.95 2.88 -14.78
N SER A 216 -8.24 2.82 -14.46
CA SER A 216 -9.09 3.99 -14.62
C SER A 216 -8.85 5.04 -13.56
N ASP A 217 -8.52 4.64 -12.32
CA ASP A 217 -8.59 5.54 -11.18
C ASP A 217 -7.25 5.89 -10.56
N ASP A 218 -6.27 4.98 -10.55
CA ASP A 218 -5.03 5.25 -9.84
C ASP A 218 -3.89 4.50 -10.52
N PRO A 219 -2.65 4.95 -10.32
CA PRO A 219 -1.48 4.16 -10.73
C PRO A 219 -1.41 2.83 -9.99
N THR A 220 -0.61 1.91 -10.54
CA THR A 220 -0.20 0.68 -9.84
C THR A 220 0.87 1.04 -8.80
N TYR A 221 0.44 1.76 -7.77
CA TYR A 221 1.38 2.30 -6.79
C TYR A 221 1.85 1.24 -5.79
N GLN A 222 2.81 1.64 -4.96
CA GLN A 222 3.29 0.81 -3.85
C GLN A 222 3.69 1.75 -2.73
N VAL A 223 3.11 1.58 -1.54
CA VAL A 223 3.35 2.47 -0.41
C VAL A 223 3.48 1.65 0.87
N LEU A 224 3.98 2.30 1.91
CA LEU A 224 3.86 1.81 3.28
C LEU A 224 2.60 2.45 3.87
N ALA A 225 1.58 1.63 4.13
CA ALA A 225 0.26 2.13 4.45
C ALA A 225 -0.17 1.83 5.88
N VAL A 226 -1.02 2.70 6.40
CA VAL A 226 -1.85 2.45 7.57
C VAL A 226 -3.25 2.18 7.07
N GLU A 227 -3.84 1.07 7.51
CA GLU A 227 -5.24 0.76 7.18
C GLU A 227 -6.01 0.58 8.48
N VAL A 228 -7.22 1.15 8.53
CA VAL A 228 -8.14 0.90 9.64
C VAL A 228 -9.48 0.44 9.09
N PHE A 229 -10.04 -0.60 9.71
CA PHE A 229 -11.37 -1.13 9.42
C PHE A 229 -12.21 -0.94 10.66
N ASN A 230 -13.30 -0.20 10.53
CA ASN A 230 -14.24 0.03 11.63
C ASN A 230 -13.53 0.27 12.96
N PRO A 231 -12.62 1.24 13.03
CA PRO A 231 -11.91 1.49 14.29
C PRO A 231 -12.88 1.84 15.42
N GLN A 232 -12.67 1.21 16.57
CA GLN A 232 -13.52 1.42 17.75
C GLN A 232 -12.96 2.49 18.68
N LYS A 233 -11.91 3.20 18.26
CA LYS A 233 -11.39 4.33 19.00
C LYS A 233 -10.67 5.24 18.02
N ASN A 234 -10.47 6.48 18.42
CA ASN A 234 -9.56 7.34 17.70
C ASN A 234 -8.15 6.78 17.85
N GLY A 235 -7.29 7.08 16.88
CA GLY A 235 -5.93 6.60 16.99
C GLY A 235 -5.00 7.34 16.06
N THR A 236 -3.70 7.08 16.25
CA THR A 236 -2.67 7.60 15.36
C THR A 236 -1.63 6.52 15.13
N ALA A 237 -0.92 6.63 14.01
CA ALA A 237 0.20 5.75 13.72
C ALA A 237 1.19 6.57 12.91
N SER A 238 2.48 6.45 13.24
CA SER A 238 3.48 7.28 12.60
C SER A 238 4.78 6.52 12.37
N GLY A 239 5.50 6.93 11.34
CA GLY A 239 6.74 6.27 10.97
C GLY A 239 7.44 7.04 9.89
N GLN A 240 8.47 6.40 9.32
CA GLN A 240 9.23 6.95 8.21
C GLN A 240 9.57 5.83 7.27
N VAL A 241 9.42 6.07 5.96
CA VAL A 241 9.69 5.07 4.92
C VAL A 241 10.76 5.61 3.99
N TRP A 242 11.52 4.71 3.41
CA TRP A 242 12.53 5.07 2.43
C TRP A 242 12.79 3.89 1.50
N ASP A 243 13.50 4.18 0.41
CA ASP A 243 14.02 3.18 -0.49
C ASP A 243 15.47 2.91 -0.09
N GLU A 244 15.81 1.65 0.17
CA GLU A 244 17.21 1.26 0.40
C GLU A 244 17.64 0.15 -0.55
N THR A 245 17.01 0.09 -1.73
CA THR A 245 17.36 -0.92 -2.72
C THR A 245 18.86 -0.82 -3.05
N PRO A 246 19.59 -1.93 -2.99
CA PRO A 246 20.98 -1.91 -3.47
C PRO A 246 21.04 -1.39 -4.91
N ARG A 247 21.86 -0.37 -5.12
CA ARG A 247 22.00 0.22 -6.48
C ARG A 247 23.48 0.57 -6.77
O1 XYP B . -9.30 -2.98 2.01
C1 XYP B . -9.01 -2.31 0.85
C2 XYP B . -9.96 -2.81 -0.24
C3 XYP B . -9.88 -2.05 -1.52
C4 XYP B . -9.68 -0.59 -1.39
C5 XYP B . -8.86 -0.16 -0.15
O2 XYP B . -9.74 -4.22 -0.45
O3 XYP B . -11.15 -2.35 -2.19
O4 XYP B . -8.90 -0.15 -2.52
O5 XYP B . -9.28 -0.89 1.04
C1 XYP B . -9.07 1.12 -2.87
C2 XYP B . -7.69 1.78 -3.24
C3 XYP B . -7.84 3.09 -3.92
C4 XYP B . -8.75 3.01 -5.06
C5 XYP B . -10.09 2.46 -4.67
O2 XYP B . -6.93 1.94 -2.05
O3 XYP B . -6.50 3.53 -4.39
O4 XYP B . -9.00 4.32 -5.70
O5 XYP B . -9.92 1.13 -4.09
C1 EDO C . 5.78 -12.73 -10.75
O1 EDO C . 4.59 -12.30 -10.06
C2 EDO C . 6.41 -11.52 -11.43
O2 EDO C . 5.38 -10.76 -12.07
C1 EDO D . 22.84 -3.31 -7.47
O1 EDO D . 23.41 -4.16 -6.47
C2 EDO D . 23.94 -2.75 -8.35
O2 EDO D . 23.44 -2.56 -9.68
C1 EDO E . 26.99 1.93 -7.11
O1 EDO E . 26.03 2.72 -6.40
C2 EDO E . 26.92 2.16 -8.61
O2 EDO E . 25.59 1.88 -9.08
#